data_1ND9
#
_entry.id   1ND9
#
_entity_poly.entity_id   1
_entity_poly.type   'polypeptide(L)'
_entity_poly.pdbx_seq_one_letter_code
;TDVTIKTLAAERQTSVERLVQQFADAGIRKSADDSVSAQEKQTLIDHLN
;
_entity_poly.pdbx_strand_id   A
#
# COMPACT_ATOMS: atom_id res chain seq x y z
N THR A 1 10.39 4.67 5.23
CA THR A 1 8.96 4.89 4.88
C THR A 1 8.62 4.29 3.53
N ASP A 2 9.42 4.62 2.52
CA ASP A 2 9.20 4.10 1.17
C ASP A 2 9.95 2.78 0.96
N VAL A 3 9.24 1.77 0.50
CA VAL A 3 9.83 0.46 0.24
C VAL A 3 9.20 -0.16 -0.98
N THR A 4 9.69 -1.32 -1.39
CA THR A 4 9.14 -1.98 -2.57
C THR A 4 7.97 -2.88 -2.19
N ILE A 5 6.83 -2.64 -2.82
CA ILE A 5 5.61 -3.42 -2.59
C ILE A 5 5.86 -4.90 -2.73
N LYS A 6 5.05 -5.67 -2.01
CA LYS A 6 5.14 -7.13 -1.99
C LYS A 6 5.95 -7.56 -0.78
N THR A 7 7.23 -7.18 -0.76
CA THR A 7 8.08 -7.47 0.39
C THR A 7 7.45 -6.76 1.58
N LEU A 8 7.10 -5.49 1.33
CA LEU A 8 6.41 -4.67 2.31
C LEU A 8 4.99 -5.19 2.45
N ALA A 9 4.34 -5.43 1.31
CA ALA A 9 2.98 -5.94 1.27
C ALA A 9 2.84 -7.10 2.24
N ALA A 10 3.77 -8.04 2.14
CA ALA A 10 3.80 -9.19 3.02
C ALA A 10 3.95 -8.71 4.45
N GLU A 11 4.90 -7.79 4.67
CA GLU A 11 5.15 -7.22 5.99
C GLU A 11 3.87 -7.08 6.78
N ARG A 12 3.01 -6.14 6.39
CA ARG A 12 1.74 -5.98 7.08
C ARG A 12 0.84 -7.15 6.77
N GLN A 13 0.75 -7.45 5.48
CA GLN A 13 -0.07 -8.55 4.96
C GLN A 13 -1.51 -8.11 4.78
N THR A 14 -2.06 -7.48 5.81
CA THR A 14 -3.44 -7.00 5.77
C THR A 14 -3.48 -5.47 5.83
N SER A 15 -2.34 -4.83 5.58
CA SER A 15 -2.27 -3.38 5.62
C SER A 15 -1.56 -2.82 4.38
N VAL A 16 -0.23 -2.67 4.43
CA VAL A 16 0.49 -2.10 3.32
C VAL A 16 0.19 -2.77 1.98
N GLU A 17 0.22 -4.10 1.84
CA GLU A 17 -0.09 -4.69 0.52
C GLU A 17 -1.39 -4.08 -0.02
N ARG A 18 -2.42 -4.17 0.79
CA ARG A 18 -3.71 -3.60 0.46
C ARG A 18 -3.58 -2.13 0.15
N LEU A 19 -2.83 -1.47 1.01
CA LEU A 19 -2.60 -0.03 0.91
C LEU A 19 -2.09 0.37 -0.46
N VAL A 20 -1.08 -0.34 -0.93
CA VAL A 20 -0.47 -0.06 -2.23
C VAL A 20 -1.51 -0.06 -3.34
N GLN A 21 -2.35 -1.08 -3.39
CA GLN A 21 -3.37 -1.15 -4.45
C GLN A 21 -4.27 0.08 -4.47
N GLN A 22 -5.10 0.21 -3.44
CA GLN A 22 -6.01 1.34 -3.37
C GLN A 22 -5.26 2.65 -3.65
N PHE A 23 -4.14 2.81 -2.96
CA PHE A 23 -3.33 4.01 -3.10
C PHE A 23 -2.95 4.31 -4.53
N ALA A 24 -2.54 3.30 -5.28
CA ALA A 24 -2.21 3.52 -6.67
C ALA A 24 -3.32 4.39 -7.23
N ASP A 25 -4.54 3.98 -6.92
CA ASP A 25 -5.71 4.76 -7.30
C ASP A 25 -5.63 6.13 -6.59
N ALA A 26 -5.38 6.10 -5.28
CA ALA A 26 -5.26 7.32 -4.46
C ALA A 26 -4.23 8.30 -5.06
N GLY A 27 -2.95 7.99 -4.83
CA GLY A 27 -1.85 8.81 -5.32
C GLY A 27 -0.51 8.35 -4.75
N ILE A 28 -0.31 7.04 -4.77
CA ILE A 28 0.89 6.39 -4.24
C ILE A 28 1.29 5.23 -5.15
N ARG A 29 2.34 4.51 -4.79
CA ARG A 29 2.82 3.40 -5.62
C ARG A 29 1.87 2.21 -5.47
N LYS A 30 1.75 1.46 -6.56
CA LYS A 30 0.82 0.31 -6.64
C LYS A 30 1.43 -1.00 -6.15
N SER A 31 0.54 -1.98 -5.96
CA SER A 31 0.91 -3.30 -5.47
C SER A 31 1.18 -4.28 -6.61
N ALA A 32 1.60 -5.49 -6.23
CA ALA A 32 1.94 -6.56 -7.16
C ALA A 32 3.44 -6.57 -7.41
N ASP A 33 4.22 -6.42 -6.34
CA ASP A 33 5.68 -6.40 -6.48
C ASP A 33 6.11 -5.24 -7.37
N ASP A 34 6.66 -4.20 -6.74
CA ASP A 34 7.12 -3.01 -7.46
C ASP A 34 7.38 -1.88 -6.46
N SER A 35 6.55 -0.84 -6.42
CA SER A 35 6.74 0.24 -5.45
C SER A 35 5.54 0.38 -4.50
N VAL A 36 5.84 0.57 -3.21
CA VAL A 36 4.80 0.70 -2.17
C VAL A 36 5.15 1.78 -1.14
N SER A 37 4.15 2.15 -0.34
CA SER A 37 4.34 3.10 0.74
C SER A 37 3.88 2.44 2.05
N ALA A 38 4.77 2.39 3.04
CA ALA A 38 4.45 1.77 4.33
C ALA A 38 3.68 2.73 5.21
N GLN A 39 2.78 2.17 6.02
CA GLN A 39 1.94 2.97 6.92
C GLN A 39 0.90 3.74 6.13
N GLU A 40 0.87 3.53 4.82
CA GLU A 40 -0.12 4.17 4.00
C GLU A 40 -1.44 3.42 4.16
N LYS A 41 -1.42 2.30 4.90
CA LYS A 41 -2.61 1.48 5.15
C LYS A 41 -3.89 2.33 5.23
N GLN A 42 -3.75 3.60 5.59
CA GLN A 42 -4.90 4.51 5.68
C GLN A 42 -5.79 4.41 4.43
N THR A 43 -5.27 3.78 3.38
CA THR A 43 -5.99 3.61 2.12
C THR A 43 -7.41 3.12 2.38
N LEU A 44 -7.55 2.09 3.20
CA LEU A 44 -8.86 1.53 3.52
C LEU A 44 -9.85 2.62 3.93
N ILE A 45 -9.45 3.47 4.85
CA ILE A 45 -10.30 4.54 5.34
C ILE A 45 -10.52 5.65 4.29
N ASP A 46 -9.43 6.29 3.88
CA ASP A 46 -9.49 7.38 2.90
C ASP A 46 -10.30 6.99 1.67
N HIS A 47 -9.81 6.00 0.93
CA HIS A 47 -10.48 5.54 -0.28
C HIS A 47 -11.95 5.27 -0.03
N LEU A 48 -12.24 4.52 1.03
CA LEU A 48 -13.62 4.18 1.38
C LEU A 48 -14.47 5.44 1.49
N ASN A 49 -14.22 6.23 2.52
CA ASN A 49 -14.96 7.47 2.74
C ASN A 49 -14.71 8.46 1.61
N THR A 1 7.15 5.96 6.08
CA THR A 1 8.29 5.67 5.18
C THR A 1 7.83 4.88 3.96
N ASP A 2 8.55 5.06 2.84
CA ASP A 2 8.21 4.37 1.61
C ASP A 2 9.14 3.18 1.38
N VAL A 3 8.55 2.06 0.99
CA VAL A 3 9.32 0.85 0.74
C VAL A 3 8.77 0.12 -0.48
N THR A 4 9.51 -0.86 -0.98
CA THR A 4 9.06 -1.58 -2.16
C THR A 4 7.91 -2.52 -1.83
N ILE A 5 6.82 -2.34 -2.55
CA ILE A 5 5.62 -3.16 -2.41
C ILE A 5 5.98 -4.63 -2.47
N LYS A 6 5.18 -5.41 -1.75
CA LYS A 6 5.32 -6.87 -1.67
C LYS A 6 6.07 -7.24 -0.42
N THR A 7 7.40 -7.09 -0.41
CA THR A 7 8.17 -7.38 0.79
C THR A 7 7.45 -6.70 1.94
N LEU A 8 7.07 -5.46 1.66
CA LEU A 8 6.29 -4.65 2.57
C LEU A 8 4.87 -5.20 2.63
N ALA A 9 4.30 -5.47 1.45
CA ALA A 9 2.94 -6.00 1.35
C ALA A 9 2.75 -7.14 2.34
N ALA A 10 3.63 -8.13 2.25
CA ALA A 10 3.59 -9.26 3.16
C ALA A 10 3.75 -8.77 4.59
N GLU A 11 4.76 -7.91 4.77
CA GLU A 11 5.07 -7.32 6.08
C GLU A 11 3.82 -7.16 6.94
N ARG A 12 2.95 -6.21 6.59
CA ARG A 12 1.73 -6.02 7.37
C ARG A 12 0.78 -7.17 7.17
N GLN A 13 0.56 -7.50 5.91
CA GLN A 13 -0.34 -8.57 5.50
C GLN A 13 -1.78 -8.08 5.42
N THR A 14 -2.11 -7.08 6.23
CA THR A 14 -3.44 -6.50 6.26
C THR A 14 -3.38 -4.97 6.22
N SER A 15 -2.19 -4.43 5.98
CA SER A 15 -2.03 -2.98 5.91
C SER A 15 -1.31 -2.57 4.63
N VAL A 16 0.03 -2.50 4.65
CA VAL A 16 0.77 -2.09 3.48
C VAL A 16 0.35 -2.82 2.20
N GLU A 17 0.29 -4.15 2.16
CA GLU A 17 -0.14 -4.80 0.90
C GLU A 17 -1.41 -4.12 0.39
N ARG A 18 -2.37 -3.99 1.29
CA ARG A 18 -3.63 -3.32 0.99
C ARG A 18 -3.37 -1.89 0.55
N LEU A 19 -2.52 -1.25 1.32
CA LEU A 19 -2.13 0.14 1.09
C LEU A 19 -1.74 0.34 -0.37
N VAL A 20 -0.89 -0.54 -0.84
CA VAL A 20 -0.38 -0.50 -2.18
C VAL A 20 -1.47 -0.46 -3.24
N GLN A 21 -2.43 -1.36 -3.15
CA GLN A 21 -3.50 -1.39 -4.14
C GLN A 21 -4.32 -0.10 -4.16
N GLN A 22 -5.09 0.11 -3.13
CA GLN A 22 -5.92 1.30 -3.05
C GLN A 22 -5.13 2.57 -3.36
N PHE A 23 -3.99 2.72 -2.70
CA PHE A 23 -3.15 3.89 -2.87
C PHE A 23 -2.72 4.12 -4.30
N ALA A 24 -2.30 3.08 -5.01
CA ALA A 24 -1.92 3.25 -6.40
C ALA A 24 -3.01 4.08 -7.04
N ASP A 25 -4.25 3.70 -6.78
CA ASP A 25 -5.40 4.45 -7.26
C ASP A 25 -5.42 5.84 -6.59
N ALA A 26 -5.28 5.86 -5.26
CA ALA A 26 -5.27 7.10 -4.47
C ALA A 26 -4.41 8.18 -5.13
N GLY A 27 -3.10 7.98 -5.04
CA GLY A 27 -2.11 8.90 -5.58
C GLY A 27 -0.72 8.49 -5.12
N ILE A 28 -0.52 7.19 -5.15
CA ILE A 28 0.70 6.52 -4.71
C ILE A 28 1.06 5.45 -5.73
N ARG A 29 2.10 4.66 -5.47
CA ARG A 29 2.52 3.69 -6.45
C ARG A 29 1.68 2.41 -6.37
N LYS A 30 1.90 1.54 -7.35
CA LYS A 30 1.14 0.29 -7.51
C LYS A 30 1.72 -0.89 -6.74
N SER A 31 0.89 -1.94 -6.65
CA SER A 31 1.24 -3.17 -5.95
C SER A 31 1.66 -4.29 -6.89
N ALA A 32 2.07 -5.40 -6.27
CA ALA A 32 2.53 -6.59 -6.99
C ALA A 32 4.04 -6.55 -7.19
N ASP A 33 4.78 -6.40 -6.09
CA ASP A 33 6.23 -6.34 -6.16
C ASP A 33 6.69 -5.19 -7.06
N ASP A 34 7.13 -4.11 -6.44
CA ASP A 34 7.58 -2.91 -7.16
C ASP A 34 7.92 -1.82 -6.15
N SER A 35 7.62 -0.55 -6.44
CA SER A 35 7.88 0.52 -5.49
C SER A 35 6.60 1.24 -5.09
N VAL A 36 6.28 1.18 -3.80
CA VAL A 36 5.08 1.77 -3.22
C VAL A 36 5.31 2.30 -1.80
N SER A 37 4.25 2.88 -1.21
CA SER A 37 4.36 3.41 0.13
C SER A 37 4.17 2.30 1.17
N ALA A 38 4.66 2.52 2.39
CA ALA A 38 4.54 1.56 3.47
C ALA A 38 3.82 2.19 4.64
N GLN A 39 3.02 1.41 5.34
CA GLN A 39 2.24 1.92 6.47
C GLN A 39 1.20 2.91 6.00
N GLU A 40 1.08 3.04 4.68
CA GLU A 40 0.08 3.91 4.10
C GLU A 40 -1.29 3.51 4.64
N LYS A 41 -1.38 2.24 5.09
CA LYS A 41 -2.62 1.65 5.68
C LYS A 41 -3.88 2.49 5.49
N GLN A 42 -3.80 3.79 5.80
CA GLN A 42 -4.93 4.70 5.65
C GLN A 42 -5.74 4.42 4.38
N THR A 43 -5.12 3.74 3.41
CA THR A 43 -5.79 3.41 2.16
C THR A 43 -7.17 2.82 2.41
N LEU A 44 -7.24 1.83 3.31
CA LEU A 44 -8.48 1.18 3.65
C LEU A 44 -9.57 2.18 4.01
N ILE A 45 -9.28 3.06 4.97
CA ILE A 45 -10.25 4.06 5.42
C ILE A 45 -10.49 5.15 4.37
N ASP A 46 -9.42 5.82 3.95
CA ASP A 46 -9.53 6.89 2.97
C ASP A 46 -10.34 6.47 1.74
N HIS A 47 -9.78 5.55 0.96
CA HIS A 47 -10.44 5.06 -0.24
C HIS A 47 -11.89 4.65 0.04
N LEU A 48 -12.08 3.85 1.08
CA LEU A 48 -13.42 3.38 1.45
C LEU A 48 -14.39 4.55 1.55
N ASN A 49 -14.22 5.37 2.57
CA ASN A 49 -15.09 6.52 2.77
C ASN A 49 -14.85 7.58 1.70
N THR A 1 9.99 5.20 5.22
CA THR A 1 8.59 5.59 4.88
C THR A 1 8.16 5.00 3.54
N ASP A 2 9.14 4.75 2.67
CA ASP A 2 8.87 4.18 1.36
C ASP A 2 9.69 2.91 1.13
N VAL A 3 9.02 1.85 0.66
CA VAL A 3 9.68 0.59 0.39
C VAL A 3 9.08 -0.06 -0.84
N THR A 4 9.63 -1.18 -1.28
CA THR A 4 9.12 -1.86 -2.45
C THR A 4 7.97 -2.80 -2.09
N ILE A 5 6.85 -2.59 -2.75
CA ILE A 5 5.65 -3.38 -2.54
C ILE A 5 5.89 -4.86 -2.76
N LYS A 6 5.03 -5.64 -2.11
CA LYS A 6 5.09 -7.12 -2.15
C LYS A 6 5.85 -7.61 -0.94
N THR A 7 7.17 -7.40 -0.93
CA THR A 7 7.97 -7.77 0.24
C THR A 7 7.34 -7.07 1.42
N LEU A 8 7.00 -5.80 1.19
CA LEU A 8 6.32 -4.97 2.17
C LEU A 8 4.89 -5.47 2.31
N ALA A 9 4.24 -5.69 1.16
CA ALA A 9 2.85 -6.16 1.13
C ALA A 9 2.70 -7.32 2.10
N ALA A 10 3.60 -8.29 1.99
CA ALA A 10 3.62 -9.44 2.87
C ALA A 10 3.82 -8.96 4.30
N GLU A 11 4.82 -8.09 4.48
CA GLU A 11 5.13 -7.53 5.79
C GLU A 11 3.87 -7.32 6.61
N ARG A 12 3.06 -6.32 6.24
CA ARG A 12 1.82 -6.10 6.95
C ARG A 12 0.84 -7.21 6.64
N GLN A 13 0.72 -7.47 5.35
CA GLN A 13 -0.17 -8.50 4.83
C GLN A 13 -1.60 -7.99 4.75
N THR A 14 -2.09 -7.47 5.87
CA THR A 14 -3.44 -6.93 5.93
C THR A 14 -3.42 -5.41 5.95
N SER A 15 -2.25 -4.81 5.68
CA SER A 15 -2.12 -3.36 5.68
C SER A 15 -1.45 -2.86 4.39
N VAL A 16 -0.12 -2.72 4.39
CA VAL A 16 0.57 -2.21 3.23
C VAL A 16 0.18 -2.88 1.91
N GLU A 17 0.17 -4.21 1.77
CA GLU A 17 -0.23 -4.80 0.49
C GLU A 17 -1.53 -4.16 0.00
N ARG A 18 -2.51 -4.13 0.88
CA ARG A 18 -3.79 -3.52 0.59
C ARG A 18 -3.60 -2.05 0.24
N LEU A 19 -2.80 -1.41 1.08
CA LEU A 19 -2.53 0.02 0.96
C LEU A 19 -2.01 0.39 -0.41
N VAL A 20 -1.03 -0.34 -0.90
CA VAL A 20 -0.45 -0.08 -2.19
C VAL A 20 -1.50 -0.06 -3.28
N GLN A 21 -2.36 -1.07 -3.31
CA GLN A 21 -3.40 -1.11 -4.35
C GLN A 21 -4.22 0.16 -4.41
N GLN A 22 -5.04 0.38 -3.39
CA GLN A 22 -5.87 1.57 -3.36
C GLN A 22 -5.05 2.82 -3.63
N PHE A 23 -3.94 2.94 -2.92
CA PHE A 23 -3.05 4.09 -3.04
C PHE A 23 -2.62 4.37 -4.48
N ALA A 24 -2.23 3.35 -5.21
CA ALA A 24 -1.83 3.54 -6.60
C ALA A 24 -2.91 4.42 -7.19
N ASP A 25 -4.16 4.04 -6.92
CA ASP A 25 -5.30 4.84 -7.34
C ASP A 25 -5.25 6.21 -6.64
N ALA A 26 -5.05 6.18 -5.31
CA ALA A 26 -4.98 7.40 -4.49
C ALA A 26 -4.02 8.43 -5.12
N GLY A 27 -2.73 8.15 -4.98
CA GLY A 27 -1.66 9.01 -5.50
C GLY A 27 -0.32 8.56 -4.94
N ILE A 28 -0.11 7.25 -5.01
CA ILE A 28 1.07 6.58 -4.48
C ILE A 28 1.52 5.47 -5.44
N ARG A 29 2.55 4.72 -5.06
CA ARG A 29 3.07 3.69 -5.95
C ARG A 29 2.14 2.47 -5.95
N LYS A 30 2.15 1.75 -7.06
CA LYS A 30 1.28 0.59 -7.29
C LYS A 30 1.81 -0.71 -6.70
N SER A 31 0.88 -1.67 -6.56
CA SER A 31 1.15 -2.97 -5.97
C SER A 31 1.56 -4.04 -6.97
N ALA A 32 1.89 -5.21 -6.42
CA ALA A 32 2.30 -6.37 -7.20
C ALA A 32 3.80 -6.36 -7.44
N ASP A 33 4.58 -6.27 -6.35
CA ASP A 33 6.03 -6.25 -6.48
C ASP A 33 6.46 -5.07 -7.35
N ASP A 34 6.85 -3.98 -6.69
CA ASP A 34 7.27 -2.76 -7.38
C ASP A 34 7.50 -1.65 -6.34
N SER A 35 6.69 -0.59 -6.35
CA SER A 35 6.85 0.46 -5.36
C SER A 35 5.59 0.65 -4.51
N VAL A 36 5.80 0.82 -3.20
CA VAL A 36 4.71 0.99 -2.23
C VAL A 36 5.06 2.01 -1.14
N SER A 37 4.06 2.36 -0.35
CA SER A 37 4.25 3.27 0.77
C SER A 37 3.90 2.51 2.06
N ALA A 38 4.82 2.45 3.02
CA ALA A 38 4.59 1.75 4.28
C ALA A 38 3.77 2.58 5.24
N GLN A 39 2.91 1.92 6.01
CA GLN A 39 2.04 2.59 6.97
C GLN A 39 0.99 3.43 6.26
N GLU A 40 0.94 3.32 4.94
CA GLU A 40 -0.05 4.04 4.19
C GLU A 40 -1.38 3.33 4.34
N LYS A 41 -1.36 2.14 4.98
CA LYS A 41 -2.58 1.34 5.24
C LYS A 41 -3.85 2.20 5.28
N GLN A 42 -3.71 3.46 5.71
CA GLN A 42 -4.85 4.39 5.77
C GLN A 42 -5.71 4.32 4.51
N THR A 43 -5.15 3.74 3.44
CA THR A 43 -5.87 3.60 2.18
C THR A 43 -7.29 3.07 2.40
N LEU A 44 -7.40 2.01 3.19
CA LEU A 44 -8.71 1.42 3.47
C LEU A 44 -9.72 2.48 3.90
N ILE A 45 -9.32 3.32 4.86
CA ILE A 45 -10.20 4.37 5.36
C ILE A 45 -10.43 5.48 4.33
N ASP A 46 -9.35 6.09 3.86
CA ASP A 46 -9.43 7.18 2.89
C ASP A 46 -10.23 6.79 1.64
N HIS A 47 -9.67 5.89 0.84
CA HIS A 47 -10.31 5.43 -0.38
C HIS A 47 -11.76 5.03 -0.15
N LEU A 48 -11.99 4.19 0.87
CA LEU A 48 -13.34 3.73 1.18
C LEU A 48 -14.28 4.90 1.43
N ASN A 49 -14.09 5.59 2.55
CA ASN A 49 -14.93 6.72 2.90
C ASN A 49 -14.80 7.84 1.87
N THR A 1 9.72 6.45 4.65
CA THR A 1 8.52 5.61 4.86
C THR A 1 8.06 4.95 3.57
N ASP A 2 8.98 4.81 2.62
CA ASP A 2 8.68 4.19 1.34
C ASP A 2 9.58 2.99 1.07
N VAL A 3 8.98 1.90 0.62
CA VAL A 3 9.73 0.69 0.31
C VAL A 3 9.14 0.01 -0.91
N THR A 4 9.76 -1.06 -1.36
CA THR A 4 9.27 -1.77 -2.53
C THR A 4 8.15 -2.74 -2.16
N ILE A 5 7.02 -2.57 -2.84
CA ILE A 5 5.84 -3.39 -2.62
C ILE A 5 6.13 -4.86 -2.78
N LYS A 6 5.33 -5.67 -2.06
CA LYS A 6 5.44 -7.13 -2.06
C LYS A 6 6.12 -7.57 -0.78
N THR A 7 7.44 -7.35 -0.70
CA THR A 7 8.17 -7.69 0.52
C THR A 7 7.53 -6.91 1.67
N LEU A 8 7.26 -5.64 1.36
CA LEU A 8 6.58 -4.74 2.28
C LEU A 8 5.12 -5.17 2.39
N ALA A 9 4.53 -5.43 1.22
CA ALA A 9 3.14 -5.86 1.13
C ALA A 9 2.86 -6.94 2.16
N ALA A 10 3.71 -7.95 2.18
CA ALA A 10 3.58 -9.04 3.14
C ALA A 10 3.85 -8.50 4.54
N GLU A 11 4.96 -7.76 4.65
CA GLU A 11 5.39 -7.15 5.92
C GLU A 11 4.22 -6.88 6.87
N ARG A 12 3.35 -5.94 6.50
CA ARG A 12 2.21 -5.63 7.36
C ARG A 12 1.21 -6.77 7.36
N GLN A 13 0.88 -7.22 6.16
CA GLN A 13 -0.08 -8.31 5.97
C GLN A 13 -1.50 -7.77 6.05
N THR A 14 -2.20 -7.81 4.94
CA THR A 14 -3.56 -7.29 4.89
C THR A 14 -3.55 -5.80 5.17
N SER A 15 -2.37 -5.18 5.03
CA SER A 15 -2.21 -3.77 5.27
C SER A 15 -1.48 -3.09 4.10
N VAL A 16 -0.17 -2.84 4.22
CA VAL A 16 0.56 -2.19 3.16
C VAL A 16 0.33 -2.82 1.79
N GLU A 17 0.40 -4.15 1.63
CA GLU A 17 0.12 -4.72 0.30
C GLU A 17 -1.19 -4.12 -0.22
N ARG A 18 -2.19 -4.16 0.64
CA ARG A 18 -3.49 -3.59 0.34
C ARG A 18 -3.32 -2.12 -0.01
N LEU A 19 -2.54 -1.45 0.79
CA LEU A 19 -2.27 -0.02 0.62
C LEU A 19 -1.78 0.29 -0.76
N VAL A 20 -0.76 -0.42 -1.20
CA VAL A 20 -0.19 -0.20 -2.50
C VAL A 20 -1.26 -0.16 -3.58
N GLN A 21 -2.19 -1.11 -3.58
CA GLN A 21 -3.23 -1.11 -4.59
C GLN A 21 -4.11 0.15 -4.54
N GLN A 22 -4.93 0.26 -3.50
CA GLN A 22 -5.80 1.41 -3.38
C GLN A 22 -5.02 2.71 -3.58
N PHE A 23 -3.96 2.86 -2.81
CA PHE A 23 -3.11 4.04 -2.88
C PHE A 23 -2.67 4.38 -4.28
N ALA A 24 -2.25 3.39 -5.05
CA ALA A 24 -1.83 3.64 -6.43
C ALA A 24 -2.89 4.55 -7.02
N ASP A 25 -4.14 4.17 -6.79
CA ASP A 25 -5.26 5.00 -7.23
C ASP A 25 -5.22 6.33 -6.47
N ALA A 26 -5.06 6.25 -5.14
CA ALA A 26 -4.99 7.45 -4.28
C ALA A 26 -3.98 8.47 -4.82
N GLY A 27 -2.70 8.16 -4.63
CA GLY A 27 -1.61 9.01 -5.06
C GLY A 27 -0.28 8.48 -4.55
N ILE A 28 -0.13 7.17 -4.68
CA ILE A 28 1.04 6.44 -4.21
C ILE A 28 1.43 5.38 -5.24
N ARG A 29 2.44 4.57 -4.92
CA ARG A 29 2.93 3.57 -5.87
C ARG A 29 1.97 2.38 -5.94
N LYS A 30 2.00 1.70 -7.08
CA LYS A 30 1.11 0.57 -7.37
C LYS A 30 1.61 -0.77 -6.85
N SER A 31 0.68 -1.74 -6.82
CA SER A 31 0.92 -3.08 -6.30
C SER A 31 1.42 -4.08 -7.33
N ALA A 32 1.73 -5.27 -6.83
CA ALA A 32 2.22 -6.39 -7.63
C ALA A 32 3.74 -6.38 -7.72
N ASP A 33 4.41 -6.23 -6.57
CA ASP A 33 5.88 -6.21 -6.57
C ASP A 33 6.38 -5.06 -7.43
N ASP A 34 6.93 -4.04 -6.77
CA ASP A 34 7.46 -2.85 -7.46
C ASP A 34 7.63 -1.72 -6.45
N SER A 35 6.75 -0.71 -6.46
CA SER A 35 6.86 0.38 -5.49
C SER A 35 5.60 0.51 -4.61
N VAL A 36 5.83 0.69 -3.31
CA VAL A 36 4.75 0.83 -2.32
C VAL A 36 5.08 1.85 -1.23
N SER A 37 4.09 2.16 -0.41
CA SER A 37 4.27 3.06 0.71
C SER A 37 3.85 2.33 1.99
N ALA A 38 4.75 2.23 2.96
CA ALA A 38 4.47 1.54 4.22
C ALA A 38 3.73 2.45 5.18
N GLN A 39 2.91 1.83 6.03
CA GLN A 39 2.12 2.57 7.00
C GLN A 39 1.13 3.48 6.31
N GLU A 40 0.93 3.25 5.01
CA GLU A 40 -0.04 4.01 4.27
C GLU A 40 -1.42 3.72 4.85
N LYS A 41 -1.51 2.58 5.59
CA LYS A 41 -2.76 2.13 6.24
C LYS A 41 -3.99 2.94 5.84
N GLN A 42 -3.90 4.27 5.99
CA GLN A 42 -5.00 5.17 5.66
C GLN A 42 -5.77 4.75 4.40
N THR A 43 -5.14 3.98 3.52
CA THR A 43 -5.81 3.54 2.30
C THR A 43 -7.21 2.99 2.59
N LEU A 44 -7.28 2.08 3.57
CA LEU A 44 -8.56 1.48 3.93
C LEU A 44 -9.62 2.53 4.23
N ILE A 45 -9.32 3.42 5.18
CA ILE A 45 -10.26 4.47 5.58
C ILE A 45 -10.45 5.53 4.50
N ASP A 46 -9.34 6.05 3.98
CA ASP A 46 -9.40 7.10 2.96
C ASP A 46 -10.20 6.66 1.72
N HIS A 47 -9.64 5.73 0.96
CA HIS A 47 -10.28 5.22 -0.25
C HIS A 47 -11.72 4.81 0.01
N LEU A 48 -11.93 3.99 1.03
CA LEU A 48 -13.27 3.50 1.37
C LEU A 48 -14.24 4.67 1.56
N ASN A 49 -14.06 5.42 2.63
CA ASN A 49 -14.94 6.56 2.92
C ASN A 49 -14.84 7.60 1.82
N THR A 1 6.22 6.70 4.97
CA THR A 1 7.49 5.98 4.76
C THR A 1 7.49 5.23 3.43
N ASP A 2 8.56 5.38 2.67
CA ASP A 2 8.69 4.73 1.37
C ASP A 2 9.43 3.40 1.50
N VAL A 3 8.80 2.33 1.04
CA VAL A 3 9.40 1.01 1.09
C VAL A 3 9.03 0.22 -0.16
N THR A 4 9.59 -0.98 -0.32
CA THR A 4 9.29 -1.78 -1.48
C THR A 4 8.07 -2.67 -1.23
N ILE A 5 7.08 -2.53 -2.08
CA ILE A 5 5.86 -3.30 -1.99
C ILE A 5 6.08 -4.78 -2.23
N LYS A 6 5.15 -5.56 -1.68
CA LYS A 6 5.15 -7.04 -1.76
C LYS A 6 5.77 -7.60 -0.49
N THR A 7 7.10 -7.60 -0.39
CA THR A 7 7.75 -8.07 0.82
C THR A 7 7.13 -7.30 1.97
N LEU A 8 6.99 -6.00 1.74
CA LEU A 8 6.33 -5.10 2.65
C LEU A 8 4.83 -5.40 2.64
N ALA A 9 4.28 -5.54 1.42
CA ALA A 9 2.86 -5.84 1.26
C ALA A 9 2.45 -6.94 2.22
N ALA A 10 3.22 -8.02 2.21
CA ALA A 10 2.98 -9.14 3.10
C ALA A 10 3.19 -8.72 4.55
N GLU A 11 4.32 -8.06 4.80
CA GLU A 11 4.68 -7.60 6.15
C GLU A 11 3.45 -7.23 6.97
N ARG A 12 2.63 -6.29 6.47
CA ARG A 12 1.43 -5.92 7.21
C ARG A 12 0.44 -7.07 7.20
N GLN A 13 0.22 -7.59 6.01
CA GLN A 13 -0.70 -8.71 5.78
C GLN A 13 -2.13 -8.21 5.57
N THR A 14 -2.47 -7.11 6.23
CA THR A 14 -3.80 -6.53 6.11
C THR A 14 -3.73 -5.01 6.02
N SER A 15 -2.53 -4.50 5.71
CA SER A 15 -2.36 -3.05 5.59
C SER A 15 -1.67 -2.67 4.28
N VAL A 16 -0.33 -2.65 4.26
CA VAL A 16 0.38 -2.26 3.06
C VAL A 16 -0.02 -3.05 1.82
N GLU A 17 -0.05 -4.38 1.81
CA GLU A 17 -0.46 -5.09 0.58
C GLU A 17 -1.78 -4.46 0.09
N ARG A 18 -2.74 -4.43 0.99
CA ARG A 18 -4.02 -3.81 0.74
C ARG A 18 -3.79 -2.41 0.20
N LEU A 19 -2.91 -1.71 0.88
CA LEU A 19 -2.58 -0.34 0.52
C LEU A 19 -2.16 -0.23 -0.94
N VAL A 20 -1.25 -1.07 -1.42
CA VAL A 20 -0.82 -0.99 -2.80
C VAL A 20 -2.01 -0.93 -3.75
N GLN A 21 -3.00 -1.81 -3.57
CA GLN A 21 -4.14 -1.80 -4.49
C GLN A 21 -4.95 -0.50 -4.44
N GLN A 22 -5.66 -0.27 -3.36
CA GLN A 22 -6.49 0.94 -3.24
C GLN A 22 -5.66 2.17 -3.61
N PHE A 23 -4.49 2.25 -3.01
CA PHE A 23 -3.54 3.34 -3.20
C PHE A 23 -3.24 3.60 -4.66
N ALA A 24 -3.02 2.55 -5.43
CA ALA A 24 -2.77 2.73 -6.84
C ALA A 24 -3.83 3.71 -7.30
N ASP A 25 -5.06 3.44 -6.88
CA ASP A 25 -6.16 4.34 -7.14
C ASP A 25 -5.88 5.69 -6.45
N ALA A 26 -5.50 5.62 -5.16
CA ALA A 26 -5.16 6.82 -4.36
C ALA A 26 -4.35 7.84 -5.15
N GLY A 27 -3.06 7.55 -5.32
CA GLY A 27 -2.16 8.44 -6.05
C GLY A 27 -0.70 8.27 -5.66
N ILE A 28 -0.39 7.21 -4.90
CA ILE A 28 0.96 6.92 -4.45
C ILE A 28 1.56 5.80 -5.29
N ARG A 29 2.80 5.42 -5.00
CA ARG A 29 3.45 4.37 -5.77
C ARG A 29 2.78 3.03 -5.48
N LYS A 30 2.32 2.38 -6.55
CA LYS A 30 1.66 1.08 -6.49
C LYS A 30 2.34 0.09 -7.41
N SER A 31 2.78 -1.02 -6.87
CA SER A 31 3.44 -2.04 -7.66
C SER A 31 3.20 -3.44 -7.10
N ALA A 32 3.72 -4.43 -7.80
CA ALA A 32 3.61 -5.81 -7.37
C ALA A 32 5.04 -6.30 -7.17
N ASP A 33 5.55 -6.17 -5.94
CA ASP A 33 6.94 -6.54 -5.68
C ASP A 33 7.84 -5.54 -6.40
N ASP A 34 7.81 -4.30 -5.91
CA ASP A 34 8.60 -3.21 -6.50
C ASP A 34 8.59 -1.98 -5.58
N SER A 35 7.99 -0.85 -5.99
CA SER A 35 7.99 0.33 -5.13
C SER A 35 6.59 0.95 -4.88
N VAL A 36 6.24 1.00 -3.60
CA VAL A 36 5.00 1.55 -3.08
C VAL A 36 5.27 2.21 -1.72
N SER A 37 4.28 2.87 -1.12
CA SER A 37 4.47 3.48 0.18
C SER A 37 3.89 2.56 1.26
N ALA A 38 4.71 2.17 2.24
CA ALA A 38 4.26 1.29 3.31
C ALA A 38 3.65 2.10 4.45
N GLN A 39 2.77 1.45 5.20
CA GLN A 39 2.10 2.12 6.32
C GLN A 39 1.07 3.11 5.80
N GLU A 40 0.88 3.12 4.48
CA GLU A 40 -0.09 4.01 3.86
C GLU A 40 -1.50 3.55 4.17
N LYS A 41 -1.64 2.28 4.59
CA LYS A 41 -2.94 1.70 4.93
C LYS A 41 -3.92 2.74 5.49
N GLN A 42 -3.39 3.69 6.28
CA GLN A 42 -4.23 4.75 6.87
C GLN A 42 -5.17 5.33 5.82
N THR A 43 -4.62 5.61 4.64
CA THR A 43 -5.38 6.13 3.53
C THR A 43 -6.39 5.09 3.03
N LEU A 44 -5.99 3.81 2.96
CA LEU A 44 -6.89 2.77 2.47
C LEU A 44 -8.26 2.96 3.10
N ILE A 45 -8.28 3.13 4.42
CA ILE A 45 -9.52 3.42 5.11
C ILE A 45 -10.19 4.58 4.38
N ASP A 46 -9.37 5.59 4.08
CA ASP A 46 -9.80 6.78 3.37
C ASP A 46 -10.58 6.40 2.10
N HIS A 47 -10.01 5.49 1.30
CA HIS A 47 -10.66 5.05 0.06
C HIS A 47 -12.11 4.68 0.34
N LEU A 48 -12.30 3.87 1.38
CA LEU A 48 -13.64 3.42 1.78
C LEU A 48 -14.59 4.60 1.94
N ASN A 49 -14.36 5.40 2.98
CA ASN A 49 -15.19 6.56 3.25
C ASN A 49 -14.98 7.64 2.19
N THR A 1 9.87 6.02 5.13
CA THR A 1 8.82 4.98 5.16
C THR A 1 8.46 4.51 3.76
N ASP A 2 9.48 4.34 2.93
CA ASP A 2 9.28 3.90 1.55
C ASP A 2 10.01 2.59 1.29
N VAL A 3 9.29 1.60 0.78
CA VAL A 3 9.87 0.29 0.47
C VAL A 3 9.23 -0.27 -0.78
N THR A 4 9.70 -1.42 -1.24
CA THR A 4 9.14 -2.02 -2.44
C THR A 4 7.95 -2.90 -2.09
N ILE A 5 6.82 -2.62 -2.73
CA ILE A 5 5.58 -3.37 -2.52
C ILE A 5 5.81 -4.85 -2.68
N LYS A 6 5.01 -5.60 -1.95
CA LYS A 6 5.04 -7.07 -1.93
C LYS A 6 5.83 -7.51 -0.70
N THR A 7 7.12 -7.18 -0.67
CA THR A 7 7.94 -7.49 0.50
C THR A 7 7.27 -6.80 1.67
N LEU A 8 6.92 -5.53 1.41
CA LEU A 8 6.19 -4.71 2.36
C LEU A 8 4.76 -5.24 2.44
N ALA A 9 4.17 -5.48 1.25
CA ALA A 9 2.80 -5.98 1.16
C ALA A 9 2.60 -7.14 2.13
N ALA A 10 3.53 -8.09 2.09
CA ALA A 10 3.49 -9.23 2.99
C ALA A 10 3.63 -8.72 4.41
N GLU A 11 4.62 -7.85 4.63
CA GLU A 11 4.90 -7.26 5.95
C GLU A 11 3.62 -7.10 6.76
N ARG A 12 2.74 -6.16 6.36
CA ARG A 12 1.50 -5.97 7.10
C ARG A 12 0.57 -7.15 6.89
N GLN A 13 0.41 -7.50 5.63
CA GLN A 13 -0.46 -8.60 5.22
C GLN A 13 -1.90 -8.14 5.06
N THR A 14 -2.30 -7.17 5.87
CA THR A 14 -3.64 -6.63 5.81
C THR A 14 -3.62 -5.10 5.81
N SER A 15 -2.44 -4.52 5.63
CA SER A 15 -2.32 -3.06 5.60
C SER A 15 -1.55 -2.58 4.37
N VAL A 16 -0.22 -2.50 4.46
CA VAL A 16 0.57 -2.01 3.35
C VAL A 16 0.24 -2.67 2.01
N GLU A 17 0.19 -4.00 1.90
CA GLU A 17 -0.16 -4.61 0.60
C GLU A 17 -1.41 -3.92 0.02
N ARG A 18 -2.48 -4.01 0.78
CA ARG A 18 -3.75 -3.40 0.42
C ARG A 18 -3.56 -1.94 0.06
N LEU A 19 -2.80 -1.26 0.91
CA LEU A 19 -2.54 0.14 0.73
C LEU A 19 -1.94 0.41 -0.64
N VAL A 20 -0.92 -0.32 -1.02
CA VAL A 20 -0.28 -0.13 -2.31
C VAL A 20 -1.30 -0.07 -3.44
N GLN A 21 -2.21 -1.02 -3.49
CA GLN A 21 -3.22 -1.05 -4.58
C GLN A 21 -4.11 0.19 -4.62
N GLN A 22 -4.98 0.32 -3.64
CA GLN A 22 -5.90 1.46 -3.58
C GLN A 22 -5.11 2.75 -3.77
N PHE A 23 -4.03 2.84 -3.04
CA PHE A 23 -3.11 3.97 -3.06
C PHE A 23 -2.70 4.34 -4.46
N ALA A 24 -2.37 3.34 -5.26
CA ALA A 24 -2.01 3.60 -6.63
C ALA A 24 -3.06 4.58 -7.13
N ASP A 25 -4.31 4.24 -6.83
CA ASP A 25 -5.42 5.12 -7.15
C ASP A 25 -5.28 6.42 -6.34
N ALA A 26 -5.05 6.28 -5.03
CA ALA A 26 -4.86 7.44 -4.11
C ALA A 26 -3.93 8.50 -4.73
N GLY A 27 -2.65 8.13 -4.77
CA GLY A 27 -1.59 8.99 -5.28
C GLY A 27 -0.27 8.54 -4.69
N ILE A 28 -0.10 7.23 -4.68
CA ILE A 28 1.05 6.54 -4.11
C ILE A 28 1.52 5.43 -5.05
N ARG A 29 2.52 4.66 -4.64
CA ARG A 29 3.06 3.62 -5.49
C ARG A 29 2.12 2.44 -5.57
N LYS A 30 2.15 1.77 -6.73
CA LYS A 30 1.28 0.63 -7.04
C LYS A 30 1.76 -0.70 -6.46
N SER A 31 0.81 -1.63 -6.34
CA SER A 31 1.05 -2.97 -5.81
C SER A 31 1.39 -3.97 -6.90
N ALA A 32 1.70 -5.20 -6.47
CA ALA A 32 2.06 -6.30 -7.35
C ALA A 32 3.57 -6.34 -7.53
N ASP A 33 4.30 -6.24 -6.42
CA ASP A 33 5.77 -6.26 -6.48
C ASP A 33 6.26 -5.09 -7.32
N ASP A 34 6.77 -4.06 -6.65
CA ASP A 34 7.27 -2.85 -7.33
C ASP A 34 7.52 -1.75 -6.30
N SER A 35 6.71 -0.68 -6.28
CA SER A 35 6.90 0.37 -5.27
C SER A 35 5.68 0.50 -4.35
N VAL A 36 5.96 0.66 -3.05
CA VAL A 36 4.92 0.81 -2.03
C VAL A 36 5.28 1.86 -0.98
N SER A 37 4.28 2.27 -0.20
CA SER A 37 4.48 3.21 0.87
C SER A 37 3.97 2.57 2.18
N ALA A 38 4.84 2.47 3.18
CA ALA A 38 4.46 1.88 4.46
C ALA A 38 3.79 2.90 5.36
N GLN A 39 2.95 2.43 6.28
CA GLN A 39 2.24 3.33 7.17
C GLN A 39 1.23 4.14 6.39
N GLU A 40 0.94 3.69 5.16
CA GLU A 40 -0.02 4.37 4.31
C GLU A 40 -1.38 3.70 4.41
N LYS A 41 -1.40 2.43 4.85
CA LYS A 41 -2.66 1.69 5.01
C LYS A 41 -3.80 2.58 5.51
N GLN A 42 -3.46 3.59 6.33
CA GLN A 42 -4.46 4.51 6.86
C GLN A 42 -5.41 5.00 5.77
N THR A 43 -4.84 5.49 4.67
CA THR A 43 -5.61 5.96 3.53
C THR A 43 -6.53 4.86 3.01
N LEU A 44 -6.06 3.60 2.94
CA LEU A 44 -6.87 2.51 2.41
C LEU A 44 -8.28 2.59 2.99
N ILE A 45 -8.36 2.74 4.29
CA ILE A 45 -9.65 2.93 4.93
C ILE A 45 -10.36 4.05 4.17
N ASP A 46 -9.62 5.12 3.94
CA ASP A 46 -10.10 6.28 3.22
C ASP A 46 -10.77 5.89 1.89
N HIS A 47 -10.06 5.10 1.08
CA HIS A 47 -10.59 4.63 -0.20
C HIS A 47 -11.98 4.07 -0.02
N LEU A 48 -12.11 3.17 0.96
CA LEU A 48 -13.39 2.53 1.26
C LEU A 48 -14.47 3.57 1.52
N ASN A 49 -14.36 4.27 2.65
CA ASN A 49 -15.34 5.29 3.01
C ASN A 49 -15.39 6.40 1.96
N THR A 1 9.19 5.27 5.55
CA THR A 1 7.74 5.21 5.26
C THR A 1 7.48 4.50 3.93
N ASP A 2 8.00 5.06 2.86
CA ASP A 2 7.82 4.48 1.52
C ASP A 2 8.85 3.40 1.26
N VAL A 3 8.38 2.23 0.85
CA VAL A 3 9.27 1.10 0.56
C VAL A 3 8.72 0.30 -0.62
N THR A 4 9.48 -0.70 -1.06
CA THR A 4 9.06 -1.51 -2.19
C THR A 4 7.90 -2.44 -1.86
N ILE A 5 6.85 -2.29 -2.65
CA ILE A 5 5.64 -3.10 -2.55
C ILE A 5 5.98 -4.57 -2.67
N LYS A 6 5.10 -5.38 -2.08
CA LYS A 6 5.20 -6.85 -2.08
C LYS A 6 5.92 -7.35 -0.84
N THR A 7 7.25 -7.28 -0.83
CA THR A 7 8.00 -7.71 0.35
C THR A 7 7.36 -7.06 1.57
N LEU A 8 7.21 -5.75 1.47
CA LEU A 8 6.55 -4.96 2.49
C LEU A 8 5.05 -5.24 2.47
N ALA A 9 4.47 -5.26 1.27
CA ALA A 9 3.03 -5.50 1.11
C ALA A 9 2.61 -6.69 1.97
N ALA A 10 3.20 -7.84 1.70
CA ALA A 10 2.91 -9.04 2.46
C ALA A 10 3.27 -8.82 3.93
N GLU A 11 4.48 -8.29 4.13
CA GLU A 11 5.01 -8.01 5.48
C GLU A 11 3.92 -7.74 6.50
N ARG A 12 3.08 -6.73 6.26
CA ARG A 12 2.02 -6.41 7.21
C ARG A 12 0.99 -7.52 7.26
N GLN A 13 0.55 -7.91 6.09
CA GLN A 13 -0.46 -8.95 5.92
C GLN A 13 -1.84 -8.35 6.11
N THR A 14 -2.45 -7.91 5.00
CA THR A 14 -3.76 -7.29 5.00
C THR A 14 -3.66 -5.78 5.29
N SER A 15 -2.43 -5.29 5.50
CA SER A 15 -2.22 -3.88 5.77
C SER A 15 -1.56 -3.18 4.57
N VAL A 16 -0.22 -3.02 4.57
CA VAL A 16 0.43 -2.34 3.47
C VAL A 16 0.06 -2.91 2.09
N GLU A 17 0.11 -4.22 1.87
CA GLU A 17 -0.28 -4.78 0.56
C GLU A 17 -1.65 -4.20 0.13
N ARG A 18 -2.60 -4.27 1.03
CA ARG A 18 -3.93 -3.72 0.75
C ARG A 18 -3.80 -2.31 0.22
N LEU A 19 -2.95 -1.57 0.89
CA LEU A 19 -2.68 -0.18 0.57
C LEU A 19 -2.07 -0.05 -0.80
N VAL A 20 -1.10 -0.85 -1.12
CA VAL A 20 -0.43 -0.76 -2.40
C VAL A 20 -1.42 -0.67 -3.55
N GLN A 21 -2.43 -1.52 -3.55
CA GLN A 21 -3.43 -1.48 -4.62
C GLN A 21 -4.27 -0.20 -4.59
N GLN A 22 -5.06 -0.05 -3.53
CA GLN A 22 -5.92 1.12 -3.41
C GLN A 22 -5.14 2.41 -3.67
N PHE A 23 -4.07 2.60 -2.90
CA PHE A 23 -3.22 3.77 -3.01
C PHE A 23 -2.78 4.06 -4.42
N ALA A 24 -2.35 3.04 -5.15
CA ALA A 24 -1.94 3.27 -6.53
C ALA A 24 -3.02 4.15 -7.16
N ASP A 25 -4.26 3.76 -6.92
CA ASP A 25 -5.40 4.55 -7.38
C ASP A 25 -5.40 5.91 -6.66
N ALA A 26 -5.26 5.87 -5.32
CA ALA A 26 -5.23 7.08 -4.48
C ALA A 26 -4.42 8.22 -5.12
N GLY A 27 -3.11 8.03 -5.10
CA GLY A 27 -2.14 8.99 -5.62
C GLY A 27 -0.76 8.67 -5.07
N ILE A 28 -0.53 7.37 -4.94
CA ILE A 28 0.67 6.78 -4.39
C ILE A 28 1.24 5.82 -5.43
N ARG A 29 2.35 5.14 -5.13
CA ARG A 29 2.93 4.24 -6.11
C ARG A 29 2.13 2.93 -6.13
N LYS A 30 2.27 2.21 -7.24
CA LYS A 30 1.48 0.99 -7.47
C LYS A 30 2.03 -0.28 -6.85
N SER A 31 1.14 -1.27 -6.78
CA SER A 31 1.40 -2.58 -6.20
C SER A 31 1.88 -3.61 -7.22
N ALA A 32 2.21 -4.80 -6.71
CA ALA A 32 2.68 -5.93 -7.50
C ALA A 32 4.20 -5.98 -7.54
N ASP A 33 4.82 -6.00 -6.36
CA ASP A 33 6.29 -6.05 -6.29
C ASP A 33 6.90 -4.95 -7.15
N ASP A 34 7.24 -3.84 -6.51
CA ASP A 34 7.84 -2.69 -7.20
C ASP A 34 8.01 -1.54 -6.20
N SER A 35 7.40 -0.37 -6.43
CA SER A 35 7.52 0.73 -5.48
C SER A 35 6.14 1.18 -4.97
N VAL A 36 5.98 1.16 -3.65
CA VAL A 36 4.74 1.53 -2.99
C VAL A 36 4.99 2.20 -1.64
N SER A 37 3.91 2.61 -0.97
CA SER A 37 4.04 3.23 0.35
C SER A 37 3.56 2.24 1.42
N ALA A 38 4.42 1.96 2.40
CA ALA A 38 4.09 1.05 3.48
C ALA A 38 3.47 1.81 4.63
N GLN A 39 2.77 1.10 5.50
CA GLN A 39 2.11 1.72 6.63
C GLN A 39 1.22 2.86 6.15
N GLU A 40 0.88 2.82 4.86
CA GLU A 40 0.00 3.82 4.29
C GLU A 40 -1.33 3.74 5.00
N LYS A 41 -1.59 2.58 5.62
CA LYS A 41 -2.83 2.33 6.39
C LYS A 41 -4.04 3.11 5.88
N GLN A 42 -3.95 4.43 5.89
CA GLN A 42 -5.04 5.32 5.43
C GLN A 42 -5.75 4.79 4.19
N THR A 43 -5.13 3.88 3.45
CA THR A 43 -5.74 3.33 2.25
C THR A 43 -7.18 2.89 2.50
N LEU A 44 -7.40 2.14 3.57
CA LEU A 44 -8.73 1.65 3.92
C LEU A 44 -9.69 2.80 4.21
N ILE A 45 -9.33 3.65 5.16
CA ILE A 45 -10.18 4.77 5.55
C ILE A 45 -10.36 5.78 4.41
N ASP A 46 -9.26 6.20 3.80
CA ASP A 46 -9.31 7.17 2.70
C ASP A 46 -10.15 6.68 1.53
N HIS A 47 -9.64 5.67 0.83
CA HIS A 47 -10.34 5.10 -0.33
C HIS A 47 -11.79 4.78 -0.01
N LEU A 48 -12.02 4.06 1.09
CA LEU A 48 -13.38 3.68 1.48
C LEU A 48 -14.28 4.91 1.58
N ASN A 49 -14.02 5.77 2.55
CA ASN A 49 -14.81 6.98 2.75
C ASN A 49 -14.78 7.86 1.50
N THR A 1 7.06 5.49 5.70
CA THR A 1 7.95 5.87 4.58
C THR A 1 7.69 5.02 3.35
N ASP A 2 8.38 5.32 2.26
CA ASP A 2 8.23 4.57 1.02
C ASP A 2 9.25 3.44 0.94
N VAL A 3 8.77 2.22 0.75
CA VAL A 3 9.62 1.06 0.64
C VAL A 3 9.08 0.09 -0.41
N THR A 4 9.86 -0.92 -0.76
CA THR A 4 9.40 -1.88 -1.75
C THR A 4 8.33 -2.78 -1.16
N ILE A 5 7.17 -2.83 -1.81
CA ILE A 5 6.06 -3.65 -1.33
C ILE A 5 6.06 -5.05 -1.93
N LYS A 6 5.03 -5.79 -1.52
CA LYS A 6 4.79 -7.19 -1.90
C LYS A 6 5.27 -8.06 -0.75
N THR A 7 6.58 -8.26 -0.62
CA THR A 7 7.10 -9.00 0.52
C THR A 7 6.71 -8.19 1.74
N LEU A 8 6.85 -6.88 1.57
CA LEU A 8 6.46 -5.88 2.54
C LEU A 8 4.94 -5.84 2.62
N ALA A 9 4.32 -5.87 1.44
CA ALA A 9 2.86 -5.81 1.32
C ALA A 9 2.22 -6.76 2.32
N ALA A 10 2.71 -7.99 2.34
CA ALA A 10 2.22 -8.98 3.28
C ALA A 10 2.63 -8.56 4.69
N GLU A 11 3.91 -8.21 4.83
CA GLU A 11 4.50 -7.80 6.10
C GLU A 11 3.48 -7.15 7.04
N ARG A 12 2.83 -6.07 6.62
CA ARG A 12 1.85 -5.42 7.49
C ARG A 12 0.69 -6.33 7.76
N GLN A 13 0.18 -6.90 6.69
CA GLN A 13 -0.97 -7.82 6.75
C GLN A 13 -2.26 -7.02 6.81
N THR A 14 -3.00 -7.04 5.71
CA THR A 14 -4.26 -6.29 5.62
C THR A 14 -3.99 -4.80 5.68
N SER A 15 -2.72 -4.41 5.50
CA SER A 15 -2.35 -3.00 5.53
C SER A 15 -1.60 -2.61 4.25
N VAL A 16 -0.27 -2.63 4.27
CA VAL A 16 0.50 -2.25 3.10
C VAL A 16 0.09 -3.02 1.84
N GLU A 17 -0.02 -4.34 1.86
CA GLU A 17 -0.46 -5.06 0.63
C GLU A 17 -1.72 -4.38 0.08
N ARG A 18 -2.74 -4.38 0.90
CA ARG A 18 -4.00 -3.74 0.57
C ARG A 18 -3.75 -2.33 0.10
N LEU A 19 -2.92 -1.64 0.86
CA LEU A 19 -2.57 -0.27 0.56
C LEU A 19 -2.13 -0.15 -0.90
N VAL A 20 -1.26 -1.02 -1.34
CA VAL A 20 -0.79 -1.00 -2.71
C VAL A 20 -1.93 -0.90 -3.70
N GLN A 21 -2.94 -1.75 -3.54
CA GLN A 21 -4.07 -1.74 -4.49
C GLN A 21 -4.86 -0.43 -4.48
N GLN A 22 -5.58 -0.19 -3.40
CA GLN A 22 -6.38 1.02 -3.28
C GLN A 22 -5.55 2.25 -3.64
N PHE A 23 -4.37 2.32 -3.05
CA PHE A 23 -3.44 3.41 -3.26
C PHE A 23 -3.19 3.66 -4.72
N ALA A 24 -3.00 2.60 -5.50
CA ALA A 24 -2.80 2.77 -6.91
C ALA A 24 -3.88 3.75 -7.36
N ASP A 25 -5.09 3.48 -6.90
CA ASP A 25 -6.21 4.38 -7.16
C ASP A 25 -5.95 5.72 -6.44
N ALA A 26 -5.60 5.64 -5.14
CA ALA A 26 -5.30 6.82 -4.31
C ALA A 26 -4.50 7.87 -5.08
N GLY A 27 -3.22 7.56 -5.28
CA GLY A 27 -2.31 8.47 -5.97
C GLY A 27 -0.89 8.35 -5.41
N ILE A 28 -0.52 7.13 -5.04
CA ILE A 28 0.78 6.82 -4.47
C ILE A 28 1.43 5.70 -5.28
N ARG A 29 2.65 5.30 -4.94
CA ARG A 29 3.32 4.25 -5.70
C ARG A 29 2.63 2.91 -5.46
N LYS A 30 2.23 2.29 -6.56
CA LYS A 30 1.54 1.00 -6.54
C LYS A 30 2.26 -0.03 -7.40
N SER A 31 2.61 -1.16 -6.80
CA SER A 31 3.30 -2.20 -7.52
C SER A 31 2.93 -3.59 -6.99
N ALA A 32 3.50 -4.59 -7.63
CA ALA A 32 3.32 -5.98 -7.26
C ALA A 32 4.70 -6.58 -7.18
N ASP A 33 5.36 -6.43 -6.02
CA ASP A 33 6.74 -6.88 -5.87
C ASP A 33 7.63 -5.82 -6.53
N ASP A 34 7.65 -4.63 -5.93
CA ASP A 34 8.43 -3.52 -6.46
C ASP A 34 8.41 -2.31 -5.51
N SER A 35 7.98 -1.12 -5.97
CA SER A 35 7.99 0.05 -5.07
C SER A 35 6.62 0.73 -4.89
N VAL A 36 6.22 0.80 -3.62
CA VAL A 36 4.99 1.42 -3.16
C VAL A 36 5.27 2.06 -1.79
N SER A 37 4.29 2.76 -1.20
CA SER A 37 4.51 3.35 0.11
C SER A 37 3.96 2.43 1.21
N ALA A 38 4.79 2.05 2.17
CA ALA A 38 4.38 1.17 3.26
C ALA A 38 3.80 1.99 4.40
N GLN A 39 2.94 1.38 5.19
CA GLN A 39 2.30 2.06 6.30
C GLN A 39 1.28 3.06 5.79
N GLU A 40 1.10 3.10 4.47
CA GLU A 40 0.14 3.99 3.87
C GLU A 40 -1.27 3.54 4.18
N LYS A 41 -1.40 2.30 4.68
CA LYS A 41 -2.71 1.75 5.05
C LYS A 41 -3.66 2.83 5.59
N GLN A 42 -3.10 3.80 6.32
CA GLN A 42 -3.89 4.90 6.88
C GLN A 42 -4.86 5.45 5.84
N THR A 43 -4.36 5.66 4.64
CA THR A 43 -5.17 6.14 3.53
C THR A 43 -6.13 5.04 3.09
N LEU A 44 -5.66 3.78 3.05
CA LEU A 44 -6.50 2.67 2.61
C LEU A 44 -7.86 2.78 3.29
N ILE A 45 -7.85 2.99 4.59
CA ILE A 45 -9.09 3.21 5.32
C ILE A 45 -9.85 4.31 4.59
N ASP A 46 -9.10 5.37 4.25
CA ASP A 46 -9.64 6.52 3.53
C ASP A 46 -10.44 6.08 2.31
N HIS A 47 -9.86 5.19 1.50
CA HIS A 47 -10.53 4.70 0.30
C HIS A 47 -11.93 4.24 0.65
N LEU A 48 -12.03 3.42 1.70
CA LEU A 48 -13.31 2.89 2.15
C LEU A 48 -14.32 4.02 2.36
N ASN A 49 -14.06 4.87 3.34
CA ASN A 49 -14.96 5.99 3.64
C ASN A 49 -15.07 6.93 2.44
N THR A 1 7.96 6.73 5.30
CA THR A 1 8.61 5.42 5.08
C THR A 1 8.10 4.76 3.79
N ASP A 2 9.01 4.58 2.83
CA ASP A 2 8.67 3.97 1.56
C ASP A 2 9.52 2.74 1.28
N VAL A 3 8.89 1.68 0.80
CA VAL A 3 9.59 0.44 0.50
C VAL A 3 8.98 -0.19 -0.73
N THR A 4 9.56 -1.30 -1.20
CA THR A 4 9.05 -1.97 -2.37
C THR A 4 7.91 -2.92 -2.01
N ILE A 5 6.78 -2.72 -2.67
CA ILE A 5 5.59 -3.55 -2.44
C ILE A 5 5.94 -5.03 -2.58
N LYS A 6 5.24 -5.82 -1.77
CA LYS A 6 5.41 -7.27 -1.73
C LYS A 6 6.09 -7.66 -0.42
N THR A 7 7.39 -7.40 -0.31
CA THR A 7 8.10 -7.68 0.94
C THR A 7 7.39 -6.91 2.04
N LEU A 8 7.10 -5.65 1.72
CA LEU A 8 6.36 -4.77 2.61
C LEU A 8 4.92 -5.24 2.66
N ALA A 9 4.37 -5.53 1.48
CA ALA A 9 3.00 -5.99 1.35
C ALA A 9 2.71 -7.09 2.35
N ALA A 10 3.59 -8.08 2.39
CA ALA A 10 3.46 -9.18 3.33
C ALA A 10 3.62 -8.67 4.75
N GLU A 11 4.69 -7.88 4.96
CA GLU A 11 4.99 -7.30 6.26
C GLU A 11 3.73 -7.03 7.09
N ARG A 12 2.90 -6.09 6.64
CA ARG A 12 1.68 -5.79 7.37
C ARG A 12 0.69 -6.93 7.25
N GLN A 13 0.49 -7.36 6.02
CA GLN A 13 -0.43 -8.44 5.72
C GLN A 13 -1.86 -7.93 5.76
N THR A 14 -2.43 -7.71 4.57
CA THR A 14 -3.79 -7.18 4.47
C THR A 14 -3.80 -5.67 4.71
N SER A 15 -2.61 -5.09 4.92
CA SER A 15 -2.51 -3.66 5.15
C SER A 15 -1.70 -2.98 4.04
N VAL A 16 -0.38 -2.76 4.23
CA VAL A 16 0.42 -2.08 3.22
C VAL A 16 0.22 -2.66 1.81
N GLU A 17 0.30 -4.00 1.61
CA GLU A 17 0.06 -4.54 0.27
C GLU A 17 -1.23 -3.93 -0.29
N ARG A 18 -2.28 -4.08 0.51
CA ARG A 18 -3.59 -3.53 0.18
C ARG A 18 -3.45 -2.07 -0.20
N LEU A 19 -2.70 -1.38 0.62
CA LEU A 19 -2.47 0.05 0.43
C LEU A 19 -1.90 0.33 -0.93
N VAL A 20 -0.89 -0.40 -1.31
CA VAL A 20 -0.26 -0.18 -2.60
C VAL A 20 -1.30 -0.09 -3.71
N GLN A 21 -2.24 -1.03 -3.75
CA GLN A 21 -3.26 -0.99 -4.82
C GLN A 21 -4.18 0.23 -4.73
N GLN A 22 -5.03 0.27 -3.73
CA GLN A 22 -5.96 1.39 -3.57
C GLN A 22 -5.21 2.72 -3.70
N PHE A 23 -4.12 2.80 -2.96
CA PHE A 23 -3.25 3.96 -2.95
C PHE A 23 -2.84 4.39 -4.34
N ALA A 24 -2.47 3.43 -5.18
CA ALA A 24 -2.10 3.76 -6.54
C ALA A 24 -3.16 4.74 -7.01
N ASP A 25 -4.40 4.39 -6.74
CA ASP A 25 -5.52 5.28 -7.03
C ASP A 25 -5.38 6.56 -6.19
N ALA A 26 -5.14 6.39 -4.88
CA ALA A 26 -4.95 7.52 -3.94
C ALA A 26 -3.98 8.57 -4.51
N GLY A 27 -2.70 8.19 -4.54
CA GLY A 27 -1.62 9.04 -5.03
C GLY A 27 -0.30 8.54 -4.50
N ILE A 28 -0.15 7.22 -4.56
CA ILE A 28 1.01 6.49 -4.06
C ILE A 28 1.36 5.36 -5.03
N ARG A 29 2.38 4.58 -4.72
CA ARG A 29 2.81 3.50 -5.62
C ARG A 29 1.84 2.33 -5.58
N LYS A 30 1.77 1.63 -6.71
CA LYS A 30 0.85 0.50 -6.91
C LYS A 30 1.42 -0.84 -6.42
N SER A 31 0.51 -1.80 -6.25
CA SER A 31 0.85 -3.14 -5.76
C SER A 31 1.18 -4.12 -6.86
N ALA A 32 1.58 -5.32 -6.45
CA ALA A 32 1.95 -6.41 -7.34
C ALA A 32 3.46 -6.46 -7.52
N ASP A 33 4.18 -6.36 -6.41
CA ASP A 33 5.65 -6.38 -6.46
C ASP A 33 6.15 -5.20 -7.30
N ASP A 34 6.75 -4.21 -6.63
CA ASP A 34 7.28 -3.01 -7.30
C ASP A 34 7.45 -1.89 -6.28
N SER A 35 6.60 -0.86 -6.28
CA SER A 35 6.72 0.22 -5.29
C SER A 35 5.48 0.37 -4.41
N VAL A 36 5.72 0.54 -3.11
CA VAL A 36 4.66 0.70 -2.10
C VAL A 36 5.03 1.74 -1.04
N SER A 37 4.02 2.14 -0.26
CA SER A 37 4.21 3.07 0.83
C SER A 37 3.69 2.44 2.13
N ALA A 38 4.54 2.34 3.15
CA ALA A 38 4.16 1.76 4.43
C ALA A 38 3.56 2.82 5.33
N GLN A 39 2.72 2.40 6.27
CA GLN A 39 2.05 3.33 7.18
C GLN A 39 0.93 4.05 6.45
N GLU A 40 0.65 3.58 5.23
CA GLU A 40 -0.40 4.16 4.43
C GLU A 40 -1.76 3.66 4.91
N LYS A 41 -1.76 2.53 5.63
CA LYS A 41 -3.00 1.94 6.17
C LYS A 41 -4.07 2.99 6.48
N GLN A 42 -3.66 4.16 6.95
CA GLN A 42 -4.59 5.24 7.28
C GLN A 42 -5.49 5.61 6.09
N THR A 43 -4.87 5.93 4.97
CA THR A 43 -5.61 6.29 3.76
C THR A 43 -6.50 5.15 3.25
N LEU A 44 -6.00 3.90 3.26
CA LEU A 44 -6.79 2.77 2.75
C LEU A 44 -8.21 2.86 3.29
N ILE A 45 -8.34 3.07 4.58
CA ILE A 45 -9.65 3.27 5.18
C ILE A 45 -10.35 4.35 4.35
N ASP A 46 -9.61 5.42 4.09
CA ASP A 46 -10.08 6.55 3.30
C ASP A 46 -10.72 6.09 1.99
N HIS A 47 -10.00 5.26 1.24
CA HIS A 47 -10.48 4.74 -0.04
C HIS A 47 -11.89 4.19 0.14
N LEU A 48 -12.05 3.35 1.15
CA LEU A 48 -13.34 2.73 1.45
C LEU A 48 -14.41 3.79 1.68
N ASN A 49 -14.30 4.50 2.80
CA ASN A 49 -15.26 5.54 3.14
C ASN A 49 -15.14 6.72 2.19
N THR A 1 9.19 6.77 4.99
CA THR A 1 8.33 5.57 5.22
C THR A 1 7.94 4.91 3.91
N ASP A 2 8.82 5.01 2.92
CA ASP A 2 8.59 4.42 1.60
C ASP A 2 9.36 3.12 1.45
N VAL A 3 8.66 2.08 0.99
CA VAL A 3 9.28 0.78 0.79
C VAL A 3 8.71 0.10 -0.46
N THR A 4 9.25 -1.05 -0.81
CA THR A 4 8.77 -1.75 -1.99
C THR A 4 7.56 -2.61 -1.68
N ILE A 5 6.50 -2.34 -2.42
CA ILE A 5 5.26 -3.07 -2.30
C ILE A 5 5.50 -4.56 -2.53
N LYS A 6 4.70 -5.35 -1.85
CA LYS A 6 4.77 -6.81 -1.90
C LYS A 6 5.59 -7.31 -0.71
N THR A 7 6.90 -7.07 -0.72
CA THR A 7 7.72 -7.45 0.42
C THR A 7 7.08 -6.79 1.63
N LEU A 8 6.68 -5.54 1.42
CA LEU A 8 5.97 -4.75 2.39
C LEU A 8 4.56 -5.33 2.53
N ALA A 9 3.95 -5.60 1.37
CA ALA A 9 2.60 -6.16 1.33
C ALA A 9 2.50 -7.31 2.30
N ALA A 10 3.47 -8.21 2.23
CA ALA A 10 3.53 -9.35 3.12
C ALA A 10 3.77 -8.86 4.55
N GLU A 11 4.76 -7.97 4.71
CA GLU A 11 5.10 -7.42 6.02
C GLU A 11 3.84 -7.20 6.87
N ARG A 12 3.02 -6.22 6.50
CA ARG A 12 1.79 -5.99 7.25
C ARG A 12 0.82 -7.13 7.01
N GLN A 13 0.64 -7.44 5.74
CA GLN A 13 -0.26 -8.50 5.29
C GLN A 13 -1.69 -8.01 5.23
N THR A 14 -2.11 -7.29 6.27
CA THR A 14 -3.46 -6.75 6.34
C THR A 14 -3.45 -5.23 6.35
N SER A 15 -2.26 -4.63 6.17
CA SER A 15 -2.14 -3.17 6.17
C SER A 15 -1.54 -2.66 4.87
N VAL A 16 -0.21 -2.58 4.78
CA VAL A 16 0.43 -2.07 3.59
C VAL A 16 0.00 -2.79 2.31
N GLU A 17 0.00 -4.12 2.23
CA GLU A 17 -0.42 -4.76 0.97
C GLU A 17 -1.72 -4.11 0.47
N ARG A 18 -2.71 -4.11 1.35
CA ARG A 18 -3.99 -3.49 1.07
C ARG A 18 -3.81 -2.06 0.63
N LEU A 19 -3.00 -1.34 1.38
CA LEU A 19 -2.72 0.05 1.10
C LEU A 19 -2.24 0.23 -0.33
N VAL A 20 -1.29 -0.56 -0.73
CA VAL A 20 -0.72 -0.47 -2.06
C VAL A 20 -1.81 -0.41 -3.13
N GLN A 21 -2.78 -1.32 -3.08
CA GLN A 21 -3.83 -1.33 -4.10
C GLN A 21 -4.71 -0.08 -4.08
N GLN A 22 -5.48 0.10 -3.04
CA GLN A 22 -6.36 1.26 -2.94
C GLN A 22 -5.56 2.52 -3.27
N PHE A 23 -4.39 2.62 -2.64
CA PHE A 23 -3.48 3.73 -2.83
C PHE A 23 -3.22 4.00 -4.29
N ALA A 24 -3.00 2.95 -5.06
CA ALA A 24 -2.79 3.14 -6.48
C ALA A 24 -3.84 4.12 -6.92
N ASP A 25 -5.07 3.86 -6.47
CA ASP A 25 -6.17 4.77 -6.75
C ASP A 25 -5.87 6.13 -6.09
N ALA A 26 -5.48 6.10 -4.80
CA ALA A 26 -5.13 7.31 -4.03
C ALA A 26 -4.16 8.22 -4.78
N GLY A 27 -2.89 7.81 -4.78
CA GLY A 27 -1.81 8.55 -5.42
C GLY A 27 -0.44 7.97 -5.06
N ILE A 28 -0.48 6.83 -4.37
CA ILE A 28 0.68 6.08 -3.92
C ILE A 28 0.94 4.96 -4.93
N ARG A 29 1.95 4.12 -4.73
CA ARG A 29 2.24 3.09 -5.72
C ARG A 29 1.27 1.92 -5.61
N LYS A 30 1.18 1.16 -6.70
CA LYS A 30 0.25 0.03 -6.80
C LYS A 30 0.83 -1.28 -6.26
N SER A 31 -0.07 -2.24 -6.07
CA SER A 31 0.27 -3.56 -5.52
C SER A 31 0.73 -4.53 -6.60
N ALA A 32 1.39 -5.59 -6.14
CA ALA A 32 1.91 -6.65 -7.01
C ALA A 32 3.40 -6.43 -7.27
N ASP A 33 4.16 -6.15 -6.22
CA ASP A 33 5.60 -5.92 -6.35
C ASP A 33 5.88 -4.64 -7.15
N ASP A 34 6.46 -3.66 -6.46
CA ASP A 34 6.80 -2.37 -7.07
C ASP A 34 7.41 -1.46 -6.02
N SER A 35 7.16 -0.15 -6.07
CA SER A 35 7.70 0.75 -5.05
C SER A 35 6.60 1.62 -4.44
N VAL A 36 6.01 1.13 -3.37
CA VAL A 36 4.91 1.79 -2.67
C VAL A 36 5.32 2.36 -1.33
N SER A 37 4.36 3.03 -0.68
CA SER A 37 4.61 3.62 0.63
C SER A 37 3.95 2.78 1.73
N ALA A 38 4.75 2.34 2.71
CA ALA A 38 4.23 1.53 3.82
C ALA A 38 3.66 2.43 4.91
N GLN A 39 2.76 1.89 5.71
CA GLN A 39 2.12 2.65 6.78
C GLN A 39 1.09 3.61 6.19
N GLU A 40 0.96 3.58 4.87
CA GLU A 40 0.02 4.43 4.18
C GLU A 40 -1.40 3.92 4.40
N LYS A 41 -1.53 2.65 4.81
CA LYS A 41 -2.85 2.05 5.06
C LYS A 41 -3.86 3.08 5.58
N GLN A 42 -3.38 4.04 6.38
CA GLN A 42 -4.24 5.09 6.95
C GLN A 42 -5.09 5.76 5.86
N THR A 43 -4.44 6.23 4.80
CA THR A 43 -5.13 6.87 3.69
C THR A 43 -5.94 5.83 2.90
N LEU A 44 -5.35 4.65 2.68
CA LEU A 44 -6.04 3.60 1.94
C LEU A 44 -7.47 3.51 2.45
N ILE A 45 -7.58 3.44 3.77
CA ILE A 45 -8.87 3.45 4.40
C ILE A 45 -9.62 4.69 3.93
N ASP A 46 -8.90 5.81 3.94
CA ASP A 46 -9.44 7.10 3.53
C ASP A 46 -10.18 7.04 2.20
N HIS A 47 -9.46 6.86 1.09
CA HIS A 47 -10.09 6.82 -0.23
C HIS A 47 -11.02 5.63 -0.40
N LEU A 48 -10.54 4.43 -0.05
CA LEU A 48 -11.34 3.21 -0.18
C LEU A 48 -12.74 3.40 0.42
N ASN A 49 -12.81 3.49 1.74
CA ASN A 49 -14.08 3.66 2.43
C ASN A 49 -14.78 4.94 1.97
#